data_4BZX
#
_entry.id   4BZX
#
_cell.length_a   63.820
_cell.length_b   69.430
_cell.length_c   79.370
_cell.angle_alpha   90.00
_cell.angle_beta   90.00
_cell.angle_gamma   90.00
#
_symmetry.space_group_name_H-M   'P 21 21 21'
#
loop_
_entity.id
_entity.type
_entity.pdbx_description
1 polymer 'BIFUNCTIONAL ENZYME CYSN/CYSC'
2 non-polymer "ADENOSINE-5'-PHOSPHOSULFATE"
3 non-polymer 'PHOSPHOAMINOPHOSPHONIC ACID-ADENYLATE ESTER'
4 non-polymer 1,2-ETHANEDIOL
5 non-polymer DI(HYDROXYETHYL)ETHER
6 non-polymer 'CITRIC ACID'
7 non-polymer 'MAGNESIUM ION'
8 water water
#
_entity_poly.entity_id   1
_entity_poly.type   'polypeptide(L)'
_entity_poly.pdbx_seq_one_letter_code
;PPRGKTVWFTGLSGSGKSSVAMLVERKLLEKGISAYVLDGDNLRHGLNADLGFSMADRAENLRRLSHVATLLADCGHLVL
VPAISPLAEHRALARKVHADAGIDFFEVFCDTPLQDCERRDPKGLYAKARAGEITHFTGIDSPYQRPKNPDLRLTPDRSI
DEQAQEVIDLLES
;
_entity_poly.pdbx_strand_id   A,B
#
# COMPACT_ATOMS: atom_id res chain seq x y z
N PRO A 1 -8.36 17.51 3.89
CA PRO A 1 -7.21 17.25 4.82
C PRO A 1 -5.85 17.55 4.20
N PRO A 2 -4.96 18.28 4.92
CA PRO A 2 -3.68 18.63 4.34
C PRO A 2 -2.86 17.38 4.10
N ARG A 3 -1.95 17.44 3.14
CA ARG A 3 -1.15 16.29 2.77
C ARG A 3 -0.17 16.05 3.88
N GLY A 4 0.08 14.79 4.12
CA GLY A 4 1.07 14.33 5.07
C GLY A 4 2.48 14.35 4.53
N LYS A 5 3.34 13.65 5.29
CA LYS A 5 4.76 13.64 5.05
C LYS A 5 5.29 12.24 5.43
N THR A 6 6.49 11.94 4.97
CA THR A 6 7.16 10.64 5.27
C THR A 6 8.48 10.87 6.00
N VAL A 7 8.67 10.07 7.07
CA VAL A 7 9.89 9.96 7.74
C VAL A 7 10.48 8.57 7.46
N TRP A 8 11.58 8.60 6.73
CA TRP A 8 12.19 7.35 6.26
C TRP A 8 13.40 7.06 7.15
N PHE A 9 13.37 5.94 7.88
N PHE A 9 13.40 5.91 7.74
CA PHE A 9 14.43 5.56 8.90
CA PHE A 9 14.52 5.52 8.49
C PHE A 9 15.34 4.45 8.33
C PHE A 9 15.51 4.77 7.58
N THR A 10 16.68 4.68 8.10
CA THR A 10 17.65 3.75 7.55
C THR A 10 18.64 3.41 8.64
N GLY A 11 19.19 2.21 8.56
CA GLY A 11 20.19 1.80 9.52
C GLY A 11 20.26 0.30 9.60
N LEU A 12 21.32 -0.15 10.26
CA LEU A 12 21.57 -1.55 10.51
C LEU A 12 20.41 -2.23 11.23
N SER A 13 20.32 -3.54 11.02
CA SER A 13 19.48 -4.33 11.85
C SER A 13 19.84 -4.16 13.33
N GLY A 14 18.84 -3.92 14.17
CA GLY A 14 19.08 -3.70 15.60
C GLY A 14 19.45 -2.29 15.99
N SER A 15 19.41 -1.35 15.04
CA SER A 15 19.79 0.06 15.30
C SER A 15 18.69 0.89 16.01
N GLY A 16 17.46 0.37 16.06
CA GLY A 16 16.33 1.03 16.76
C GLY A 16 15.28 1.66 15.89
N LYS A 17 15.32 1.35 14.61
CA LYS A 17 14.38 2.01 13.67
C LYS A 17 12.93 1.81 14.05
N SER A 18 12.54 0.57 14.21
CA SER A 18 11.15 0.18 14.52
C SER A 18 10.71 0.69 15.88
N SER A 19 11.61 0.67 16.86
CA SER A 19 11.29 1.17 18.18
C SER A 19 10.98 2.66 18.22
N VAL A 20 11.87 3.44 17.58
CA VAL A 20 11.66 4.84 17.44
C VAL A 20 10.42 5.16 16.63
N ALA A 21 10.24 4.47 15.52
CA ALA A 21 9.07 4.74 14.62
C ALA A 21 7.74 4.50 15.40
N MET A 22 7.70 3.42 16.14
CA MET A 22 6.47 3.10 16.84
CA MET A 22 6.47 3.09 16.86
C MET A 22 6.17 4.08 17.99
N LEU A 23 7.20 4.55 18.65
CA LEU A 23 6.99 5.52 19.71
C LEU A 23 6.58 6.86 19.14
N VAL A 24 7.18 7.27 18.03
CA VAL A 24 6.72 8.48 17.36
C VAL A 24 5.26 8.37 16.97
N GLU A 25 4.85 7.21 16.43
CA GLU A 25 3.47 7.02 16.03
C GLU A 25 2.53 7.20 17.23
N ARG A 26 2.91 6.64 18.37
CA ARG A 26 2.09 6.69 19.57
C ARG A 26 1.99 8.13 20.07
N LYS A 27 3.12 8.85 20.13
CA LYS A 27 3.16 10.20 20.59
C LYS A 27 2.34 11.10 19.72
N LEU A 28 2.44 10.93 18.43
CA LEU A 28 1.63 11.72 17.51
C LEU A 28 0.14 11.41 17.67
N LEU A 29 -0.23 10.16 17.72
CA LEU A 29 -1.64 9.79 17.76
C LEU A 29 -2.28 10.40 18.99
N GLU A 30 -1.52 10.43 20.08
CA GLU A 30 -2.10 10.88 21.36
C GLU A 30 -2.43 12.32 21.27
N LYS A 31 -1.73 13.02 20.37
CA LYS A 31 -1.91 14.45 20.18
CA LYS A 31 -1.92 14.46 20.18
C LYS A 31 -2.86 14.80 19.02
N GLY A 32 -3.63 13.80 18.58
CA GLY A 32 -4.56 13.98 17.49
C GLY A 32 -3.93 14.24 16.14
N ILE A 33 -2.69 13.73 15.95
CA ILE A 33 -2.02 13.76 14.65
C ILE A 33 -1.99 12.39 14.05
N SER A 34 -2.54 12.26 12.86
CA SER A 34 -2.68 10.97 12.24
C SER A 34 -1.29 10.46 11.76
N ALA A 35 -0.83 9.36 12.32
CA ALA A 35 0.48 8.77 11.96
C ALA A 35 0.29 7.29 11.74
N TYR A 36 1.15 6.74 10.89
CA TYR A 36 1.16 5.30 10.62
C TYR A 36 2.50 4.80 10.31
N VAL A 37 2.82 3.62 10.82
CA VAL A 37 4.12 2.99 10.61
C VAL A 37 4.05 1.93 9.52
N LEU A 38 4.86 2.08 8.52
CA LEU A 38 5.02 1.03 7.45
C LEU A 38 6.33 0.36 7.72
N ASP A 39 6.32 -0.74 8.45
CA ASP A 39 7.57 -1.39 8.92
C ASP A 39 8.01 -2.45 7.94
N GLY A 40 9.21 -2.34 7.42
CA GLY A 40 9.78 -3.28 6.47
C GLY A 40 9.59 -4.72 6.84
N ASP A 41 9.93 -5.08 8.10
CA ASP A 41 9.72 -6.45 8.53
C ASP A 41 8.26 -6.88 8.48
N ASN A 42 7.34 -6.05 8.96
CA ASN A 42 5.95 -6.45 9.01
C ASN A 42 5.40 -6.61 7.59
N LEU A 43 5.74 -5.66 6.70
CA LEU A 43 5.21 -5.72 5.37
CA LEU A 43 5.22 -5.71 5.34
C LEU A 43 5.79 -6.87 4.56
N ARG A 44 6.97 -7.37 4.98
CA ARG A 44 7.58 -8.54 4.33
C ARG A 44 6.80 -9.80 4.67
N HIS A 45 5.83 -9.71 5.55
CA HIS A 45 4.88 -10.82 5.79
C HIS A 45 3.58 -10.74 4.99
N GLY A 46 3.37 -9.67 4.23
CA GLY A 46 2.17 -9.49 3.41
C GLY A 46 2.51 -8.97 2.02
N LEU A 47 2.42 -7.65 1.85
CA LEU A 47 2.65 -7.01 0.55
C LEU A 47 3.97 -7.52 -0.07
N ASN A 48 5.00 -7.55 0.78
CA ASN A 48 6.32 -7.93 0.35
C ASN A 48 6.78 -9.33 0.69
N ALA A 49 5.81 -10.24 0.91
CA ALA A 49 6.13 -11.65 1.20
C ALA A 49 6.78 -12.45 0.10
N ASP A 50 6.73 -11.93 -1.11
CA ASP A 50 7.35 -12.56 -2.27
C ASP A 50 8.83 -12.21 -2.43
N LEU A 51 9.34 -11.33 -1.57
CA LEU A 51 10.70 -10.84 -1.72
C LEU A 51 11.62 -11.37 -0.65
N GLY A 52 12.86 -11.61 -1.05
CA GLY A 52 13.94 -11.94 -0.14
C GLY A 52 14.91 -10.78 0.06
N PHE A 53 16.18 -11.15 0.22
CA PHE A 53 17.25 -10.19 0.64
C PHE A 53 18.34 -10.06 -0.35
N SER A 54 18.15 -10.58 -1.55
CA SER A 54 18.99 -10.17 -2.68
C SER A 54 18.92 -8.65 -2.87
N MET A 55 19.94 -8.04 -3.44
CA MET A 55 19.87 -6.56 -3.64
C MET A 55 18.70 -6.16 -4.55
N ALA A 56 18.41 -6.97 -5.55
CA ALA A 56 17.23 -6.70 -6.42
C ALA A 56 15.92 -6.75 -5.65
N ASP A 57 15.78 -7.74 -4.78
CA ASP A 57 14.58 -7.86 -3.96
C ASP A 57 14.45 -6.73 -2.93
N ARG A 58 15.59 -6.33 -2.33
CA ARG A 58 15.56 -5.19 -1.41
C ARG A 58 15.11 -3.90 -2.18
N ALA A 59 15.63 -3.71 -3.38
CA ALA A 59 15.25 -2.52 -4.16
C ALA A 59 13.77 -2.47 -4.45
N GLU A 60 13.22 -3.64 -4.82
CA GLU A 60 11.81 -3.82 -5.08
C GLU A 60 10.99 -3.59 -3.82
N ASN A 61 11.44 -4.14 -2.70
CA ASN A 61 10.76 -3.97 -1.41
C ASN A 61 10.60 -2.48 -1.09
N LEU A 62 11.68 -1.76 -1.26
CA LEU A 62 11.77 -0.35 -0.92
C LEU A 62 11.05 0.54 -1.97
N ARG A 63 11.08 0.13 -3.23
CA ARG A 63 10.24 0.80 -4.25
C ARG A 63 8.77 0.74 -3.91
N ARG A 64 8.31 -0.43 -3.55
CA ARG A 64 6.97 -0.60 -3.21
C ARG A 64 6.61 0.21 -1.96
N LEU A 65 7.46 0.10 -0.94
CA LEU A 65 7.22 0.86 0.27
CA LEU A 65 7.22 0.88 0.29
C LEU A 65 7.16 2.38 -0.01
N SER A 66 8.00 2.85 -0.89
CA SER A 66 7.99 4.28 -1.19
CA SER A 66 8.03 4.28 -1.29
C SER A 66 6.67 4.72 -1.83
N HIS A 67 6.09 3.92 -2.76
CA HIS A 67 4.78 4.22 -3.32
C HIS A 67 3.62 4.11 -2.34
N VAL A 68 3.69 3.13 -1.40
CA VAL A 68 2.69 3.01 -0.41
C VAL A 68 2.75 4.22 0.60
N ALA A 69 3.96 4.62 0.94
CA ALA A 69 4.18 5.79 1.77
C ALA A 69 3.54 7.06 1.11
N THR A 70 3.81 7.31 -0.17
CA THR A 70 3.24 8.51 -0.84
C THR A 70 1.79 8.48 -0.87
N LEU A 71 1.19 7.30 -1.01
CA LEU A 71 -0.23 7.23 -1.03
CA LEU A 71 -0.28 7.17 -0.97
C LEU A 71 -0.85 7.51 0.34
N LEU A 72 -0.26 6.94 1.40
CA LEU A 72 -0.76 7.24 2.74
C LEU A 72 -0.49 8.70 3.11
N ALA A 73 0.64 9.24 2.70
CA ALA A 73 0.89 10.70 2.90
C ALA A 73 -0.10 11.58 2.16
N ASP A 74 -0.42 11.20 0.93
CA ASP A 74 -1.40 11.97 0.13
C ASP A 74 -2.71 12.06 0.86
N CYS A 75 -3.06 10.97 1.52
CA CYS A 75 -4.23 10.94 2.42
C CYS A 75 -4.24 11.77 3.69
N GLY A 76 -3.11 12.36 4.07
CA GLY A 76 -3.01 13.19 5.27
C GLY A 76 -2.22 12.60 6.41
N HIS A 77 -1.68 11.37 6.24
CA HIS A 77 -0.99 10.70 7.35
C HIS A 77 0.44 11.11 7.40
N LEU A 78 0.97 11.15 8.61
CA LEU A 78 2.39 11.19 8.81
C LEU A 78 2.89 9.73 8.81
N VAL A 79 3.67 9.42 7.79
CA VAL A 79 4.09 8.04 7.56
C VAL A 79 5.51 7.82 8.07
N LEU A 80 5.73 6.73 8.83
CA LEU A 80 7.02 6.42 9.44
C LEU A 80 7.46 5.11 8.78
N VAL A 81 8.63 5.07 8.14
CA VAL A 81 9.09 3.87 7.43
C VAL A 81 10.42 3.34 7.96
N PRO A 82 10.34 2.41 8.95
CA PRO A 82 11.55 1.77 9.42
C PRO A 82 11.91 0.61 8.55
N ALA A 83 12.92 0.81 7.72
CA ALA A 83 13.43 -0.24 6.81
C ALA A 83 14.90 -0.05 6.66
N ILE A 84 15.67 -1.13 6.60
CA ILE A 84 17.12 -0.99 6.59
C ILE A 84 17.62 -0.01 5.53
N SER A 85 17.08 -0.13 4.31
CA SER A 85 17.44 0.72 3.16
C SER A 85 18.96 0.82 2.97
N PRO A 86 19.66 -0.32 2.78
CA PRO A 86 21.12 -0.36 2.91
C PRO A 86 21.94 0.46 1.87
N LEU A 87 21.44 0.65 0.67
CA LEU A 87 22.15 1.35 -0.36
C LEU A 87 21.71 2.81 -0.50
N ALA A 88 22.66 3.70 -0.80
CA ALA A 88 22.32 5.04 -1.09
C ALA A 88 21.26 5.15 -2.18
N GLU A 89 21.37 4.29 -3.21
CA GLU A 89 20.43 4.29 -4.33
C GLU A 89 18.97 3.96 -3.88
N HIS A 90 18.84 3.15 -2.85
CA HIS A 90 17.53 2.84 -2.23
C HIS A 90 16.90 4.07 -1.61
N ARG A 91 17.65 4.81 -0.80
CA ARG A 91 17.15 6.08 -0.27
C ARG A 91 16.89 7.14 -1.37
N ALA A 92 17.76 7.22 -2.37
CA ALA A 92 17.58 8.15 -3.48
C ALA A 92 16.31 7.86 -4.20
N LEU A 93 16.03 6.61 -4.47
CA LEU A 93 14.81 6.17 -5.14
C LEU A 93 13.57 6.54 -4.34
N ALA A 94 13.59 6.26 -3.03
CA ALA A 94 12.46 6.66 -2.17
C ALA A 94 12.25 8.17 -2.19
N ARG A 95 13.33 8.94 -2.15
CA ARG A 95 13.28 10.38 -2.16
C ARG A 95 12.67 10.91 -3.48
N LYS A 96 13.03 10.26 -4.57
CA LYS A 96 12.52 10.58 -5.90
C LYS A 96 11.03 10.33 -6.06
N VAL A 97 10.58 9.20 -5.53
CA VAL A 97 9.17 8.85 -5.60
C VAL A 97 8.39 9.93 -4.84
N HIS A 98 8.96 10.39 -3.72
CA HIS A 98 8.29 11.40 -2.92
C HIS A 98 8.28 12.76 -3.65
N ALA A 99 9.44 13.15 -4.17
CA ALA A 99 9.54 14.38 -4.99
C ALA A 99 8.52 14.37 -6.10
N ASP A 100 8.43 13.26 -6.83
CA ASP A 100 7.47 13.14 -7.91
C ASP A 100 6.01 13.24 -7.44
N ALA A 101 5.73 12.83 -6.22
CA ALA A 101 4.36 12.90 -5.69
C ALA A 101 4.09 14.22 -4.93
N GLY A 102 5.11 15.07 -4.77
CA GLY A 102 4.96 16.29 -4.00
C GLY A 102 4.76 16.07 -2.49
N ILE A 103 5.36 15.02 -1.95
CA ILE A 103 5.33 14.74 -0.51
C ILE A 103 6.71 14.98 0.12
N ASP A 104 6.73 15.75 1.20
CA ASP A 104 7.92 16.05 1.96
C ASP A 104 8.47 14.72 2.53
N PHE A 105 9.79 14.61 2.46
CA PHE A 105 10.49 13.37 2.80
C PHE A 105 11.66 13.71 3.70
N PHE A 106 11.74 13.07 4.86
CA PHE A 106 12.76 13.29 5.84
C PHE A 106 13.50 12.00 5.99
N GLU A 107 14.83 12.07 5.96
CA GLU A 107 15.63 10.86 6.16
C GLU A 107 16.25 10.86 7.56
N VAL A 108 16.00 9.80 8.31
CA VAL A 108 16.51 9.62 9.67
C VAL A 108 17.46 8.43 9.65
N PHE A 109 18.70 8.68 9.99
CA PHE A 109 19.71 7.62 10.10
C PHE A 109 19.84 7.20 11.56
N CYS A 110 19.46 5.96 11.86
CA CYS A 110 19.66 5.37 13.17
C CYS A 110 21.10 4.83 13.24
N ASP A 111 22.03 5.72 13.62
CA ASP A 111 23.42 5.44 13.58
C ASP A 111 23.89 4.82 14.90
N THR A 112 23.67 3.52 15.02
CA THR A 112 24.14 2.69 16.12
C THR A 112 25.25 1.81 15.54
N PRO A 113 26.42 1.82 16.17
CA PRO A 113 27.51 1.00 15.65
C PRO A 113 27.16 -0.49 15.55
N LEU A 114 27.75 -1.17 14.56
CA LEU A 114 27.51 -2.58 14.36
C LEU A 114 27.74 -3.36 15.64
N GLN A 115 28.83 -3.01 16.34
CA GLN A 115 29.16 -3.73 17.58
C GLN A 115 28.00 -3.64 18.56
N ASP A 116 27.38 -2.47 18.68
CA ASP A 116 26.23 -2.29 19.61
C ASP A 116 24.95 -3.01 19.17
N CYS A 117 24.64 -2.95 17.86
CA CYS A 117 23.55 -3.71 17.30
C CYS A 117 23.72 -5.21 17.59
N GLU A 118 24.94 -5.68 17.39
CA GLU A 118 25.31 -7.07 17.63
C GLU A 118 25.27 -7.41 19.09
N ARG A 119 25.75 -6.46 19.92
CA ARG A 119 25.70 -6.63 21.37
C ARG A 119 24.25 -6.68 21.83
N ARG A 120 23.34 -6.00 21.14
CA ARG A 120 21.90 -6.07 21.46
C ARG A 120 21.34 -7.39 20.99
N ASP A 121 21.47 -7.59 19.68
CA ASP A 121 21.01 -8.79 18.96
C ASP A 121 19.61 -9.33 19.36
N PRO A 122 18.60 -8.52 19.16
CA PRO A 122 17.23 -8.90 19.64
C PRO A 122 16.51 -10.07 18.99
N LYS A 123 16.79 -10.39 17.74
CA LYS A 123 16.18 -11.55 17.08
C LYS A 123 17.17 -12.68 16.81
N GLY A 124 18.39 -12.60 17.35
CA GLY A 124 19.36 -13.60 17.14
C GLY A 124 20.00 -13.73 15.76
N LEU A 125 19.73 -12.74 14.94
CA LEU A 125 20.15 -12.79 13.54
C LEU A 125 21.64 -12.57 13.36
N TYR A 126 22.24 -11.71 14.17
CA TYR A 126 23.70 -11.52 14.05
C TYR A 126 24.44 -12.82 14.38
N ALA A 127 24.05 -13.46 15.49
CA ALA A 127 24.67 -14.75 15.86
C ALA A 127 24.49 -15.78 14.77
N LYS A 128 23.29 -15.87 14.18
CA LYS A 128 23.09 -16.76 13.05
C LYS A 128 23.98 -16.41 11.87
N ALA A 129 24.01 -15.11 11.53
CA ALA A 129 24.86 -14.68 10.41
C ALA A 129 26.33 -15.06 10.64
N ARG A 130 26.85 -14.83 11.82
CA ARG A 130 28.26 -15.14 12.06
C ARG A 130 28.57 -16.64 12.09
N ALA A 131 27.55 -17.47 12.33
CA ALA A 131 27.72 -18.92 12.31
C ALA A 131 27.52 -19.48 10.91
N GLY A 132 27.08 -18.63 9.98
CA GLY A 132 26.83 -19.03 8.58
C GLY A 132 25.48 -19.65 8.32
N GLU A 133 24.55 -19.49 9.25
CA GLU A 133 23.23 -20.05 9.19
C GLU A 133 22.28 -19.18 8.37
N ILE A 134 22.61 -17.89 8.24
CA ILE A 134 21.92 -16.93 7.36
CA ILE A 134 21.95 -17.08 7.23
C ILE A 134 23.02 -16.29 6.51
N THR A 135 22.76 -16.03 5.25
CA THR A 135 23.74 -15.35 4.42
C THR A 135 23.15 -14.02 3.90
N HIS A 136 24.05 -13.17 3.39
CA HIS A 136 23.64 -11.88 2.80
C HIS A 136 22.93 -11.03 3.87
N PHE A 137 23.47 -11.06 5.06
CA PHE A 137 22.97 -10.26 6.17
C PHE A 137 23.66 -8.89 6.28
N THR A 138 22.85 -7.84 6.23
CA THR A 138 23.37 -6.47 6.26
C THR A 138 24.38 -6.22 7.35
N GLY A 139 25.54 -5.69 6.98
CA GLY A 139 26.58 -5.37 7.99
C GLY A 139 27.60 -6.47 8.23
N ILE A 140 27.25 -7.70 7.86
CA ILE A 140 28.12 -8.84 8.04
C ILE A 140 28.64 -9.27 6.67
N ASP A 141 27.78 -9.76 5.79
CA ASP A 141 28.21 -10.10 4.42
C ASP A 141 27.29 -9.54 3.35
N SER A 142 26.73 -8.36 3.60
CA SER A 142 25.95 -7.62 2.63
C SER A 142 26.15 -6.14 3.05
N PRO A 143 26.22 -5.24 2.09
CA PRO A 143 26.75 -3.92 2.44
C PRO A 143 25.75 -3.02 3.17
N TYR A 144 26.27 -2.07 3.95
CA TYR A 144 25.43 -0.95 4.40
C TYR A 144 26.16 0.33 4.04
N GLN A 145 25.59 1.19 3.19
CA GLN A 145 26.20 2.43 2.86
C GLN A 145 25.63 3.56 3.74
N ARG A 146 26.51 4.17 4.50
CA ARG A 146 26.08 5.20 5.47
C ARG A 146 25.60 6.45 4.74
N PRO A 147 24.40 6.98 5.12
CA PRO A 147 23.92 8.25 4.61
C PRO A 147 24.94 9.36 4.92
N LYS A 148 25.12 10.19 3.93
CA LYS A 148 26.07 11.30 3.95
C LYS A 148 25.50 12.57 4.60
N ASN A 149 24.19 12.73 4.52
CA ASN A 149 23.52 13.94 4.92
C ASN A 149 22.09 13.70 5.37
N PRO A 150 21.90 12.88 6.39
CA PRO A 150 20.54 12.67 6.84
C PRO A 150 19.97 13.93 7.50
N ASP A 151 18.65 14.05 7.48
CA ASP A 151 17.99 15.15 8.17
C ASP A 151 18.18 15.11 9.66
N LEU A 152 18.29 13.90 10.18
CA LEU A 152 18.50 13.67 11.57
C LEU A 152 19.29 12.40 11.73
N ARG A 153 20.29 12.45 12.62
CA ARG A 153 21.04 11.27 13.01
C ARG A 153 20.73 10.95 14.47
N LEU A 154 20.18 9.77 14.72
CA LEU A 154 19.90 9.33 16.06
C LEU A 154 21.06 8.47 16.46
N THR A 155 21.52 8.67 17.69
CA THR A 155 22.64 7.91 18.23
C THR A 155 22.24 7.28 19.55
N PRO A 156 22.97 6.27 19.98
CA PRO A 156 22.49 5.72 21.22
C PRO A 156 22.89 6.51 22.47
N ASP A 157 22.64 7.81 22.46
CA ASP A 157 22.95 8.71 23.55
CA ASP A 157 22.96 8.64 23.61
C ASP A 157 21.72 9.00 24.44
N ARG A 158 20.52 8.53 24.06
CA ARG A 158 19.34 8.81 24.94
C ARG A 158 18.21 7.78 24.82
N SER A 159 17.15 7.91 25.64
CA SER A 159 16.15 6.88 25.63
C SER A 159 15.46 6.87 24.26
N ILE A 160 14.80 5.75 23.99
CA ILE A 160 13.97 5.69 22.79
C ILE A 160 12.96 6.85 22.87
N ASP A 161 12.40 7.13 24.05
CA ASP A 161 11.35 8.17 24.20
C ASP A 161 11.94 9.51 23.77
N GLU A 162 13.18 9.77 24.16
CA GLU A 162 13.83 11.00 23.74
C GLU A 162 14.18 11.09 22.22
N GLN A 163 14.59 9.96 21.66
CA GLN A 163 14.85 9.85 20.24
C GLN A 163 13.57 10.12 19.46
N ALA A 164 12.44 9.55 19.94
CA ALA A 164 11.16 9.84 19.33
C ALA A 164 10.81 11.33 19.37
N GLN A 165 11.11 11.97 20.52
CA GLN A 165 10.89 13.40 20.63
C GLN A 165 11.80 14.17 19.66
N GLU A 166 13.02 13.72 19.41
CA GLU A 166 13.82 14.40 18.40
C GLU A 166 13.24 14.35 16.96
N VAL A 167 12.67 13.21 16.61
CA VAL A 167 11.96 13.05 15.29
C VAL A 167 10.79 14.04 15.25
N ILE A 168 10.02 14.12 16.33
CA ILE A 168 8.89 15.07 16.38
C ILE A 168 9.34 16.52 16.27
N ASP A 169 10.43 16.86 16.98
CA ASP A 169 10.99 18.19 16.89
C ASP A 169 11.38 18.55 15.46
N LEU A 170 11.95 17.58 14.76
CA LEU A 170 12.32 17.72 13.35
C LEU A 170 11.09 18.05 12.49
N LEU A 171 10.01 17.32 12.74
CA LEU A 171 8.76 17.55 12.01
C LEU A 171 8.10 18.87 12.36
N GLU A 172 8.34 19.35 13.56
CA GLU A 172 7.62 20.49 14.03
C GLU A 172 8.44 21.76 13.86
N SER A 173 9.61 21.63 13.25
CA SER A 173 10.54 22.75 13.16
C SER A 173 10.22 23.50 11.89
N PRO B 1 -8.59 5.93 16.01
CA PRO B 1 -9.63 5.83 14.98
C PRO B 1 -10.07 4.40 14.71
N PRO B 2 -11.40 4.11 14.70
CA PRO B 2 -11.83 2.74 14.36
C PRO B 2 -11.33 2.28 12.99
N ARG B 3 -11.11 0.98 12.84
CA ARG B 3 -10.56 0.44 11.60
C ARG B 3 -11.65 0.52 10.53
N GLY B 4 -11.20 0.75 9.31
CA GLY B 4 -12.03 0.81 8.17
C GLY B 4 -12.41 -0.55 7.65
N LYS B 5 -12.91 -0.50 6.43
CA LYS B 5 -13.47 -1.66 5.73
C LYS B 5 -13.20 -1.45 4.25
N THR B 6 -13.29 -2.52 3.49
CA THR B 6 -13.10 -2.50 2.03
C THR B 6 -14.34 -3.02 1.23
N VAL B 7 -14.66 -2.25 0.20
CA VAL B 7 -15.60 -2.61 -0.80
C VAL B 7 -14.86 -2.89 -2.09
N TRP B 8 -14.96 -4.13 -2.51
CA TRP B 8 -14.22 -4.60 -3.68
C TRP B 8 -15.16 -4.80 -4.83
N PHE B 9 -14.99 -4.01 -5.89
N PHE B 9 -14.87 -4.11 -5.89
CA PHE B 9 -15.93 -3.95 -7.06
CA PHE B 9 -15.67 -4.21 -7.06
C PHE B 9 -15.34 -4.73 -8.24
C PHE B 9 -15.11 -5.32 -7.91
N THR B 10 -15.98 -5.85 -8.70
CA THR B 10 -15.53 -6.65 -9.85
C THR B 10 -16.53 -6.54 -11.00
N GLY B 11 -16.02 -6.67 -12.23
CA GLY B 11 -16.86 -6.59 -13.40
C GLY B 11 -16.04 -6.24 -14.59
N LEU B 12 -16.68 -6.37 -15.74
CA LEU B 12 -16.09 -6.06 -17.01
C LEU B 12 -15.63 -4.63 -17.13
N SER B 13 -14.64 -4.44 -18.01
CA SER B 13 -14.26 -3.10 -18.33
C SER B 13 -15.49 -2.32 -18.83
N GLY B 14 -15.70 -1.10 -18.33
CA GLY B 14 -16.86 -0.33 -18.75
C GLY B 14 -18.14 -0.59 -18.02
N SER B 15 -18.10 -1.46 -16.97
CA SER B 15 -19.32 -1.85 -16.21
C SER B 15 -19.77 -0.79 -15.18
N GLY B 16 -18.92 0.17 -14.84
CA GLY B 16 -19.30 1.23 -13.90
C GLY B 16 -18.63 1.19 -12.55
N LYS B 17 -17.59 0.35 -12.40
CA LYS B 17 -16.91 0.17 -11.11
C LYS B 17 -16.37 1.48 -10.58
N SER B 18 -15.56 2.19 -11.40
CA SER B 18 -14.88 3.41 -10.97
CA SER B 18 -14.89 3.36 -10.88
C SER B 18 -15.89 4.53 -10.70
N SER B 19 -16.88 4.62 -11.54
CA SER B 19 -17.91 5.67 -11.41
C SER B 19 -18.69 5.53 -10.11
N VAL B 20 -19.12 4.30 -9.82
CA VAL B 20 -19.83 4.05 -8.59
C VAL B 20 -18.91 4.27 -7.43
N ALA B 21 -17.70 3.75 -7.50
CA ALA B 21 -16.76 3.92 -6.41
C ALA B 21 -16.53 5.42 -6.08
N MET B 22 -16.33 6.21 -7.09
CA MET B 22 -16.02 7.63 -6.89
CA MET B 22 -16.00 7.62 -6.87
C MET B 22 -17.21 8.40 -6.32
N LEU B 23 -18.42 7.98 -6.69
CA LEU B 23 -19.59 8.62 -6.11
C LEU B 23 -19.83 8.21 -4.70
N VAL B 24 -19.56 6.93 -4.38
CA VAL B 24 -19.67 6.50 -3.02
C VAL B 24 -18.66 7.31 -2.18
N GLU B 25 -17.47 7.52 -2.72
CA GLU B 25 -16.43 8.20 -1.98
C GLU B 25 -16.89 9.60 -1.63
N ARG B 26 -17.46 10.28 -2.60
CA ARG B 26 -17.92 11.68 -2.43
C ARG B 26 -19.03 11.75 -1.38
N LYS B 27 -20.00 10.79 -1.45
CA LYS B 27 -21.13 10.76 -0.56
C LYS B 27 -20.70 10.54 0.86
N LEU B 28 -19.74 9.62 1.02
CA LEU B 28 -19.17 9.38 2.33
C LEU B 28 -18.40 10.59 2.90
N LEU B 29 -17.57 11.19 2.06
CA LEU B 29 -16.70 12.27 2.48
C LEU B 29 -17.55 13.45 2.93
N GLU B 30 -18.65 13.67 2.23
CA GLU B 30 -19.56 14.78 2.60
C GLU B 30 -20.17 14.59 3.98
N LYS B 31 -20.27 13.35 4.42
CA LYS B 31 -20.77 13.03 5.75
C LYS B 31 -19.64 12.80 6.79
N GLY B 32 -18.44 13.25 6.48
CA GLY B 32 -17.30 13.15 7.39
C GLY B 32 -16.77 11.75 7.60
N ILE B 33 -17.04 10.86 6.64
CA ILE B 33 -16.52 9.49 6.68
C ILE B 33 -15.34 9.41 5.71
N SER B 34 -14.18 8.94 6.18
N SER B 34 -14.16 9.08 6.21
CA SER B 34 -12.95 9.00 5.38
CA SER B 34 -13.00 9.09 5.33
C SER B 34 -12.72 7.88 4.31
C SER B 34 -13.18 7.85 4.43
N ALA B 35 -13.22 8.13 3.12
CA ALA B 35 -13.31 7.09 2.12
C ALA B 35 -12.20 7.38 1.14
N TYR B 36 -11.68 6.33 0.51
CA TYR B 36 -10.60 6.48 -0.47
C TYR B 36 -10.77 5.42 -1.52
N VAL B 37 -10.68 5.87 -2.75
CA VAL B 37 -10.74 4.99 -3.87
C VAL B 37 -9.33 4.56 -4.30
N LEU B 38 -9.11 3.24 -4.27
CA LEU B 38 -7.92 2.64 -4.71
CA LEU B 38 -7.88 2.57 -4.71
C LEU B 38 -8.18 1.91 -6.03
N ASP B 39 -7.76 2.52 -7.07
CA ASP B 39 -8.25 2.12 -8.39
C ASP B 39 -7.16 1.39 -9.05
N GLY B 40 -7.49 0.17 -9.43
CA GLY B 40 -6.58 -0.70 -10.15
C GLY B 40 -5.85 0.01 -11.26
N ASP B 41 -6.60 0.72 -12.11
CA ASP B 41 -5.95 1.50 -13.17
C ASP B 41 -4.94 2.51 -12.68
N ASN B 42 -5.28 3.29 -11.66
CA ASN B 42 -4.35 4.32 -11.14
CA ASN B 42 -4.37 4.28 -11.17
C ASN B 42 -3.09 3.68 -10.55
N LEU B 43 -3.27 2.64 -9.76
CA LEU B 43 -2.11 2.04 -9.09
C LEU B 43 -1.26 1.33 -10.11
N ARG B 44 -1.84 0.96 -11.28
CA ARG B 44 -0.99 0.40 -12.39
C ARG B 44 -0.08 1.45 -13.00
N HIS B 45 -0.19 2.68 -12.55
CA HIS B 45 0.77 3.76 -12.94
C HIS B 45 1.88 4.07 -11.97
N GLY B 46 1.88 3.43 -10.80
CA GLY B 46 2.99 3.65 -9.84
C GLY B 46 3.43 2.35 -9.17
N LEU B 47 2.78 2.02 -8.06
CA LEU B 47 3.09 0.78 -7.40
C LEU B 47 3.12 -0.43 -8.34
N ASN B 48 2.05 -0.60 -9.13
CA ASN B 48 1.83 -1.73 -10.04
C ASN B 48 2.22 -1.50 -11.48
N ALA B 49 3.09 -0.52 -11.72
CA ALA B 49 3.52 -0.23 -13.09
C ALA B 49 4.37 -1.33 -13.76
N ASP B 50 4.83 -2.28 -12.96
CA ASP B 50 5.68 -3.36 -13.47
C ASP B 50 4.84 -4.54 -13.97
N LEU B 51 3.52 -4.45 -13.86
CA LEU B 51 2.68 -5.59 -14.12
C LEU B 51 1.84 -5.38 -15.36
N GLY B 52 1.62 -6.49 -16.08
CA GLY B 52 0.75 -6.46 -17.24
C GLY B 52 -0.55 -7.19 -16.97
N PHE B 53 -1.03 -7.85 -18.01
CA PHE B 53 -2.40 -8.41 -17.99
C PHE B 53 -2.46 -9.92 -18.12
N SER B 54 -1.32 -10.59 -18.05
CA SER B 54 -1.39 -11.99 -17.93
C SER B 54 -2.19 -12.35 -16.65
N MET B 55 -2.81 -13.53 -16.61
CA MET B 55 -3.53 -13.89 -15.36
C MET B 55 -2.59 -13.83 -14.13
N ALA B 56 -1.35 -14.29 -14.27
CA ALA B 56 -0.38 -14.15 -13.15
C ALA B 56 -0.13 -12.69 -12.72
N ASP B 57 0.11 -11.79 -13.66
CA ASP B 57 0.36 -10.44 -13.31
C ASP B 57 -0.92 -9.77 -12.71
N ARG B 58 -2.13 -10.15 -13.17
CA ARG B 58 -3.32 -9.68 -12.58
C ARG B 58 -3.45 -10.19 -11.19
N ALA B 59 -3.11 -11.45 -10.98
CA ALA B 59 -3.19 -11.99 -9.62
C ALA B 59 -2.30 -11.17 -8.71
N GLU B 60 -1.10 -10.86 -9.19
CA GLU B 60 -0.06 -10.06 -8.42
C GLU B 60 -0.53 -8.62 -8.16
N ASN B 61 -1.07 -7.97 -9.18
CA ASN B 61 -1.68 -6.63 -9.07
C ASN B 61 -2.70 -6.58 -7.99
N LEU B 62 -3.59 -7.57 -7.99
CA LEU B 62 -4.72 -7.62 -7.08
C LEU B 62 -4.28 -8.04 -5.67
N ARG B 63 -3.26 -8.92 -5.57
CA ARG B 63 -2.67 -9.32 -4.31
C ARG B 63 -2.12 -8.03 -3.68
N ARG B 64 -1.44 -7.21 -4.48
CA ARG B 64 -0.81 -6.00 -3.94
C ARG B 64 -1.89 -4.97 -3.61
N LEU B 65 -2.87 -4.81 -4.51
CA LEU B 65 -3.99 -3.91 -4.20
CA LEU B 65 -3.94 -3.89 -4.22
C LEU B 65 -4.64 -4.30 -2.93
N SER B 66 -4.85 -5.60 -2.74
CA SER B 66 -5.50 -6.06 -1.55
CA SER B 66 -5.49 -6.09 -1.55
C SER B 66 -4.75 -5.71 -0.29
N HIS B 67 -3.43 -5.85 -0.28
CA HIS B 67 -2.65 -5.43 0.82
C HIS B 67 -2.71 -3.91 1.04
N VAL B 68 -2.62 -3.11 0.01
CA VAL B 68 -2.70 -1.66 0.16
C VAL B 68 -4.07 -1.27 0.72
N ALA B 69 -5.14 -1.95 0.27
CA ALA B 69 -6.46 -1.75 0.90
C ALA B 69 -6.46 -2.01 2.37
N THR B 70 -5.85 -3.13 2.83
CA THR B 70 -5.84 -3.41 4.30
C THR B 70 -5.08 -2.37 5.09
N LEU B 71 -4.03 -1.81 4.50
CA LEU B 71 -3.28 -0.70 5.12
C LEU B 71 -4.06 0.61 5.22
N LEU B 72 -4.72 0.96 4.14
CA LEU B 72 -5.58 2.13 4.17
C LEU B 72 -6.73 1.88 5.15
N ALA B 73 -7.29 0.66 5.17
CA ALA B 73 -8.30 0.34 6.16
C ALA B 73 -7.83 0.44 7.58
N ASP B 74 -6.63 -0.08 7.85
CA ASP B 74 -6.03 -0.04 9.20
C ASP B 74 -5.82 1.40 9.67
N CYS B 75 -5.62 2.33 8.71
CA CYS B 75 -5.59 3.79 8.93
C CYS B 75 -6.91 4.48 9.14
N GLY B 76 -8.01 3.75 8.99
CA GLY B 76 -9.32 4.28 9.26
C GLY B 76 -10.13 4.59 8.03
N HIS B 77 -9.65 4.30 6.83
CA HIS B 77 -10.40 4.65 5.63
C HIS B 77 -11.43 3.56 5.19
N LEU B 78 -12.51 4.01 4.57
CA LEU B 78 -13.43 3.10 3.87
C LEU B 78 -12.88 3.02 2.50
N VAL B 79 -12.36 1.85 2.14
CA VAL B 79 -11.59 1.72 0.91
C VAL B 79 -12.48 1.15 -0.19
N LEU B 80 -12.47 1.78 -1.34
CA LEU B 80 -13.32 1.36 -2.47
C LEU B 80 -12.34 0.92 -3.51
N VAL B 81 -12.44 -0.34 -3.97
CA VAL B 81 -11.49 -0.89 -4.96
C VAL B 81 -12.18 -1.30 -6.25
N PRO B 82 -12.18 -0.41 -7.23
CA PRO B 82 -12.67 -0.82 -8.51
C PRO B 82 -11.54 -1.49 -9.30
N ALA B 83 -11.69 -2.80 -9.54
CA ALA B 83 -10.71 -3.54 -10.31
C ALA B 83 -11.41 -4.66 -10.98
N ILE B 84 -11.04 -4.96 -12.22
CA ILE B 84 -11.81 -5.92 -13.00
C ILE B 84 -11.93 -7.27 -12.23
N SER B 85 -10.77 -7.74 -11.70
CA SER B 85 -10.72 -8.93 -10.88
C SER B 85 -11.41 -10.10 -11.62
N PRO B 86 -10.96 -10.49 -12.83
CA PRO B 86 -11.74 -11.37 -13.70
C PRO B 86 -11.92 -12.81 -13.20
N LEU B 87 -10.97 -13.34 -12.43
CA LEU B 87 -11.08 -14.71 -11.97
C LEU B 87 -11.58 -14.83 -10.55
N ALA B 88 -12.33 -15.87 -10.29
CA ALA B 88 -12.78 -16.12 -8.92
C ALA B 88 -11.65 -16.18 -7.97
N GLU B 89 -10.52 -16.76 -8.40
CA GLU B 89 -9.37 -16.92 -7.48
C GLU B 89 -8.76 -15.56 -7.10
N HIS B 90 -8.92 -14.57 -7.98
CA HIS B 90 -8.48 -13.19 -7.65
C HIS B 90 -9.31 -12.61 -6.51
N ARG B 91 -10.63 -12.74 -6.59
CA ARG B 91 -11.47 -12.29 -5.48
C ARG B 91 -11.22 -13.04 -4.24
N ALA B 92 -11.04 -14.36 -4.37
CA ALA B 92 -10.78 -15.24 -3.22
C ALA B 92 -9.53 -14.81 -2.56
N LEU B 93 -8.51 -14.52 -3.33
CA LEU B 93 -7.20 -14.01 -2.75
C LEU B 93 -7.32 -12.64 -2.03
N ALA B 94 -8.02 -11.70 -2.64
CA ALA B 94 -8.31 -10.42 -1.94
C ALA B 94 -9.07 -10.62 -0.67
N ARG B 95 -10.07 -11.52 -0.70
CA ARG B 95 -10.84 -11.78 0.48
C ARG B 95 -9.99 -12.37 1.59
N LYS B 96 -9.11 -13.26 1.18
CA LYS B 96 -8.18 -13.87 2.17
C LYS B 96 -7.22 -12.90 2.81
N VAL B 97 -6.68 -12.00 2.02
CA VAL B 97 -5.80 -10.97 2.55
C VAL B 97 -6.53 -10.10 3.57
N HIS B 98 -7.83 -9.80 3.30
CA HIS B 98 -8.60 -9.03 4.25
C HIS B 98 -8.94 -9.80 5.51
N ALA B 99 -9.36 -11.05 5.34
CA ALA B 99 -9.61 -11.91 6.51
C ALA B 99 -8.37 -11.98 7.41
N ASP B 100 -7.23 -12.23 6.78
CA ASP B 100 -5.99 -12.36 7.56
C ASP B 100 -5.63 -11.06 8.29
N ALA B 101 -6.03 -9.92 7.77
CA ALA B 101 -5.75 -8.61 8.42
C ALA B 101 -6.85 -8.16 9.37
N GLY B 102 -7.92 -8.95 9.43
CA GLY B 102 -9.04 -8.57 10.28
C GLY B 102 -9.82 -7.34 9.77
N ILE B 103 -9.86 -7.14 8.44
CA ILE B 103 -10.62 -6.07 7.83
C ILE B 103 -11.83 -6.55 7.06
N ASP B 104 -12.99 -5.99 7.41
CA ASP B 104 -14.27 -6.40 6.81
C ASP B 104 -14.16 -6.16 5.29
N PHE B 105 -14.73 -7.10 4.53
CA PHE B 105 -14.64 -7.10 3.08
C PHE B 105 -15.98 -7.36 2.41
N PHE B 106 -16.38 -6.47 1.51
CA PHE B 106 -17.64 -6.61 0.81
C PHE B 106 -17.34 -6.72 -0.65
N GLU B 107 -17.99 -7.65 -1.32
CA GLU B 107 -17.80 -7.78 -2.77
C GLU B 107 -19.06 -7.26 -3.55
N VAL B 108 -18.80 -6.30 -4.43
CA VAL B 108 -19.84 -5.74 -5.27
C VAL B 108 -19.55 -6.18 -6.73
N PHE B 109 -20.54 -6.80 -7.37
CA PHE B 109 -20.47 -7.19 -8.77
C PHE B 109 -21.22 -6.20 -9.63
N CYS B 110 -20.50 -5.48 -10.46
CA CYS B 110 -21.07 -4.56 -11.43
C CYS B 110 -21.40 -5.35 -12.66
N ASP B 111 -22.63 -5.85 -12.68
CA ASP B 111 -23.09 -6.74 -13.73
C ASP B 111 -23.80 -6.00 -14.84
N THR B 112 -22.98 -5.45 -15.72
CA THR B 112 -23.40 -4.78 -16.93
C THR B 112 -23.03 -5.68 -18.11
N PRO B 113 -24.01 -5.97 -19.00
CA PRO B 113 -23.72 -6.91 -20.06
C PRO B 113 -22.61 -6.42 -20.96
N LEU B 114 -21.87 -7.37 -21.52
CA LEU B 114 -20.76 -7.04 -22.42
C LEU B 114 -21.26 -6.08 -23.50
N GLN B 115 -22.45 -6.36 -24.06
CA GLN B 115 -22.97 -5.52 -25.16
C GLN B 115 -23.05 -4.08 -24.70
N ASP B 116 -23.50 -3.86 -23.48
CA ASP B 116 -23.59 -2.49 -22.94
C ASP B 116 -22.27 -1.81 -22.63
N CYS B 117 -21.32 -2.59 -22.06
CA CYS B 117 -20.03 -2.09 -21.82
C CYS B 117 -19.39 -1.61 -23.12
N GLU B 118 -19.53 -2.39 -24.16
CA GLU B 118 -18.89 -1.97 -25.42
C GLU B 118 -19.79 -1.03 -26.18
N ARG B 119 -21.10 -1.11 -25.93
CA ARG B 119 -22.02 -0.11 -26.47
C ARG B 119 -21.63 1.24 -25.89
N ARG B 120 -21.12 1.27 -24.66
CA ARG B 120 -20.56 2.47 -24.06
C ARG B 120 -19.20 2.72 -24.66
N ASP B 121 -18.29 1.74 -24.42
CA ASP B 121 -16.86 1.77 -24.81
C ASP B 121 -16.10 3.12 -24.55
N PRO B 122 -15.97 3.55 -23.30
CA PRO B 122 -15.34 4.84 -23.02
C PRO B 122 -13.86 5.09 -23.33
N LYS B 123 -12.98 4.08 -23.35
CA LYS B 123 -11.56 4.26 -23.68
C LYS B 123 -11.17 3.64 -25.03
N GLY B 124 -12.15 3.17 -25.77
CA GLY B 124 -11.88 2.57 -27.05
C GLY B 124 -11.25 1.20 -27.06
N LEU B 125 -11.18 0.59 -25.88
CA LEU B 125 -10.49 -0.69 -25.73
C LEU B 125 -11.24 -1.87 -26.32
N TYR B 126 -12.56 -1.88 -26.22
CA TYR B 126 -13.31 -2.95 -26.89
C TYR B 126 -13.10 -2.94 -28.42
N ALA B 127 -13.19 -1.76 -29.01
CA ALA B 127 -12.93 -1.64 -30.44
C ALA B 127 -11.53 -2.09 -30.82
N LYS B 128 -10.52 -1.70 -30.05
CA LYS B 128 -9.16 -2.18 -30.28
C LYS B 128 -9.04 -3.73 -30.14
N ALA B 129 -9.62 -4.27 -29.10
CA ALA B 129 -9.61 -5.71 -28.93
C ALA B 129 -10.26 -6.44 -30.11
N ARG B 130 -11.43 -5.99 -30.54
CA ARG B 130 -12.10 -6.62 -31.67
C ARG B 130 -11.33 -6.49 -32.96
N ALA B 131 -10.47 -5.47 -33.09
CA ALA B 131 -9.66 -5.28 -34.29
C ALA B 131 -8.33 -6.03 -34.19
N GLY B 132 -8.04 -6.61 -33.02
CA GLY B 132 -6.81 -7.37 -32.78
C GLY B 132 -5.59 -6.53 -32.41
N GLU B 133 -5.85 -5.29 -32.04
CA GLU B 133 -4.81 -4.34 -31.67
C GLU B 133 -4.38 -4.47 -30.21
N ILE B 134 -5.25 -5.06 -29.39
CA ILE B 134 -4.94 -5.44 -28.00
CA ILE B 134 -4.84 -5.50 -28.06
C ILE B 134 -5.31 -6.92 -27.90
N THR B 135 -4.55 -7.72 -27.18
CA THR B 135 -4.92 -9.13 -27.04
C THR B 135 -5.19 -9.46 -25.58
N HIS B 136 -5.83 -10.61 -25.36
CA HIS B 136 -6.18 -11.07 -23.99
C HIS B 136 -6.96 -9.98 -23.22
N PHE B 137 -7.96 -9.40 -23.89
CA PHE B 137 -8.81 -8.40 -23.27
C PHE B 137 -10.04 -9.06 -22.66
N THR B 138 -10.23 -8.81 -21.36
CA THR B 138 -11.31 -9.34 -20.63
C THR B 138 -12.63 -9.24 -21.37
N GLY B 139 -13.30 -10.34 -21.44
CA GLY B 139 -14.63 -10.38 -22.07
C GLY B 139 -14.63 -10.64 -23.57
N ILE B 140 -13.49 -10.46 -24.18
CA ILE B 140 -13.36 -10.66 -25.64
C ILE B 140 -12.55 -11.92 -25.89
N ASP B 141 -11.29 -11.94 -25.46
CA ASP B 141 -10.46 -13.14 -25.61
C ASP B 141 -9.69 -13.45 -24.36
N SER B 142 -10.28 -13.09 -23.23
CA SER B 142 -9.75 -13.50 -21.94
C SER B 142 -11.01 -13.61 -21.04
N PRO B 143 -11.03 -14.56 -20.11
CA PRO B 143 -12.29 -14.87 -19.47
C PRO B 143 -12.72 -13.86 -18.39
N TYR B 144 -14.04 -13.74 -18.20
CA TYR B 144 -14.54 -13.08 -16.99
C TYR B 144 -15.38 -14.08 -16.24
N GLN B 145 -14.99 -14.52 -15.06
CA GLN B 145 -15.74 -15.50 -14.30
C GLN B 145 -16.68 -14.77 -13.36
N ARG B 146 -17.98 -14.96 -13.60
CA ARG B 146 -18.98 -14.22 -12.80
C ARG B 146 -18.98 -14.66 -11.33
N PRO B 147 -19.01 -13.71 -10.36
CA PRO B 147 -19.15 -14.01 -8.94
C PRO B 147 -20.50 -14.70 -8.70
N LYS B 148 -20.48 -15.80 -7.99
CA LYS B 148 -21.73 -16.50 -7.66
C LYS B 148 -22.40 -15.97 -6.39
N ASN B 149 -21.62 -15.37 -5.49
CA ASN B 149 -22.08 -14.95 -4.19
C ASN B 149 -21.62 -13.55 -3.76
N PRO B 150 -21.78 -12.56 -4.64
CA PRO B 150 -21.44 -11.24 -4.19
C PRO B 150 -22.36 -10.73 -3.07
N ASP B 151 -21.90 -9.74 -2.33
CA ASP B 151 -22.74 -9.06 -1.34
C ASP B 151 -23.77 -8.18 -1.98
N LEU B 152 -23.47 -7.67 -3.16
CA LEU B 152 -24.38 -6.82 -3.89
C LEU B 152 -24.10 -6.95 -5.35
N ARG B 153 -25.17 -7.07 -6.16
CA ARG B 153 -25.09 -7.08 -7.61
C ARG B 153 -25.73 -5.83 -8.16
N LEU B 154 -24.97 -5.00 -8.86
CA LEU B 154 -25.49 -3.78 -9.43
C LEU B 154 -25.82 -4.11 -10.85
N THR B 155 -26.96 -3.59 -11.33
CA THR B 155 -27.33 -3.71 -12.73
C THR B 155 -27.64 -2.33 -13.37
N PRO B 156 -27.59 -2.20 -14.72
CA PRO B 156 -27.80 -0.86 -15.19
C PRO B 156 -29.27 -0.51 -15.18
N ASP B 157 -29.96 -0.69 -14.06
CA ASP B 157 -31.36 -0.36 -13.91
C ASP B 157 -31.54 0.99 -13.22
N ARG B 158 -30.46 1.64 -12.76
CA ARG B 158 -30.61 2.98 -12.17
C ARG B 158 -29.39 3.90 -12.30
N SER B 159 -29.48 5.15 -11.81
CA SER B 159 -28.39 6.08 -12.06
C SER B 159 -27.17 5.59 -11.29
N ILE B 160 -26.02 6.10 -11.66
CA ILE B 160 -24.83 5.88 -10.89
C ILE B 160 -25.12 6.38 -9.45
N ASP B 161 -25.83 7.51 -9.29
CA ASP B 161 -26.08 8.05 -7.95
C ASP B 161 -26.88 7.06 -7.12
N GLU B 162 -27.83 6.40 -7.75
CA GLU B 162 -28.63 5.39 -7.03
C GLU B 162 -27.86 4.09 -6.73
N GLN B 163 -27.02 3.67 -7.66
CA GLN B 163 -26.13 2.54 -7.42
C GLN B 163 -25.20 2.83 -6.25
N ALA B 164 -24.65 4.03 -6.20
CA ALA B 164 -23.79 4.41 -5.05
C ALA B 164 -24.58 4.32 -3.73
N GLN B 165 -25.84 4.76 -3.76
CA GLN B 165 -26.65 4.72 -2.57
C GLN B 165 -26.91 3.25 -2.20
N GLU B 166 -26.99 2.35 -3.16
CA GLU B 166 -27.10 0.91 -2.78
C GLU B 166 -25.88 0.35 -2.03
N VAL B 167 -24.70 0.77 -2.46
CA VAL B 167 -23.45 0.41 -1.80
C VAL B 167 -23.42 0.97 -0.40
N ILE B 168 -23.80 2.22 -0.25
CA ILE B 168 -23.89 2.82 1.09
C ILE B 168 -24.87 2.07 1.98
N ASP B 169 -26.04 1.76 1.44
CA ASP B 169 -27.03 1.02 2.19
C ASP B 169 -26.46 -0.34 2.67
N LEU B 170 -25.71 -1.01 1.80
CA LEU B 170 -25.02 -2.25 2.11
C LEU B 170 -24.12 -2.03 3.32
N LEU B 171 -23.34 -0.96 3.31
CA LEU B 171 -22.42 -0.66 4.41
C LEU B 171 -23.13 -0.28 5.70
N GLU B 172 -24.38 0.17 5.60
CA GLU B 172 -25.13 0.61 6.78
C GLU B 172 -26.16 -0.40 7.19
N SER B 173 -26.16 -1.57 6.56
CA SER B 173 -27.22 -2.56 6.77
C SER B 173 -26.77 -3.49 7.90
#